data_8AGP
#
_entry.id   8AGP
#
_cell.length_a   68.830
_cell.length_b   46.110
_cell.length_c   93.000
_cell.angle_alpha   90.000
_cell.angle_beta   98.410
_cell.angle_gamma   90.000
#
_symmetry.space_group_name_H-M   'P 1 21 1'
#
loop_
_entity.id
_entity.type
_entity.pdbx_description
1 polymer 'Alpha/beta epoxide hydrolase'
2 non-polymer (1~{S},2~{S},4~{R})-2-chloranyl-1-methyl-4-prop-1-en-2-yl-cyclohexan-1-ol
3 non-polymer 'CHLORIDE ION'
4 non-polymer 1,2-ETHANEDIOL
5 non-polymer 'SODIUM ION'
6 water water
#
_entity_poly.entity_id   1
_entity_poly.type   'polypeptide(L)'
_entity_poly.pdbx_seq_one_letter_code
;MNEMLKHEYVKVNGIKMHYVTQGKGKLLLLLHGFPDFWYVWRFQIPALAKHFRVVAPDLRGYNETDKPEGVENYRLDLLA
KDILGLIKALGEEHAVVVGHDWGGIISWTLTAFNPQAVEKLVILNAPHPKAYMTRTKNSLRQLQKSWYVFFFQVANIPEK
ILSRNEFAFLKNMLIQSFVRRDLLTEEDLRIYVDAWSKSGALTSALNYYRANLNPDIIFSEKTVVFPKIKVPTLVIWGEK
DVAISKDLIVNMEDFIEAPYSIKYFPECGHWVQLEEPELVRKHIEEFILKSDIHHHHHH
;
_entity_poly.pdbx_strand_id   AAA,BBB
#
loop_
_chem_comp.id
_chem_comp.type
_chem_comp.name
_chem_comp.formula
CL non-polymer 'CHLORIDE ION' 'Cl -1'
EDO non-polymer 1,2-ETHANEDIOL 'C2 H6 O2'
M1U non-polymer (1~{S},2~{S},4~{R})-2-chloranyl-1-methyl-4-prop-1-en-2-yl-cyclohexan-1-ol 'C10 H17 Cl O'
NA non-polymer 'SODIUM ION' 'Na 1'
#
# COMPACT_ATOMS: atom_id res chain seq x y z
N GLU A 3 14.28 20.29 38.17
CA GLU A 3 13.18 21.03 37.47
C GLU A 3 12.35 20.03 36.66
N MET A 4 11.02 20.11 36.75
CA MET A 4 10.25 19.06 36.13
CA MET A 4 10.24 19.06 36.12
C MET A 4 10.06 19.37 34.62
N LEU A 5 9.52 18.40 33.94
CA LEU A 5 8.92 18.55 32.63
CA LEU A 5 8.96 18.59 32.62
C LEU A 5 7.91 19.70 32.65
N LYS A 6 7.95 20.53 31.63
CA LYS A 6 6.92 21.56 31.53
C LYS A 6 6.36 21.64 30.12
N HIS A 7 5.07 22.01 30.03
CA HIS A 7 4.37 22.26 28.79
C HIS A 7 4.48 23.72 28.41
N GLU A 8 4.71 24.02 27.12
CA GLU A 8 4.82 25.39 26.69
C GLU A 8 4.27 25.55 25.29
N TYR A 9 3.99 26.79 24.92
CA TYR A 9 3.28 27.11 23.67
C TYR A 9 3.94 28.34 23.08
N VAL A 10 4.26 28.31 21.79
CA VAL A 10 4.98 29.44 21.22
C VAL A 10 4.57 29.62 19.76
N LYS A 11 4.51 30.88 19.30
CA LYS A 11 4.17 31.17 17.92
CA LYS A 11 4.18 31.18 17.92
C LYS A 11 5.41 30.97 17.05
N VAL A 12 5.27 30.16 16.01
CA VAL A 12 6.34 29.88 15.05
CA VAL A 12 6.33 29.87 15.06
C VAL A 12 5.70 29.82 13.66
N ASN A 13 6.33 30.48 12.67
CA ASN A 13 5.95 30.34 11.26
C ASN A 13 4.43 30.44 11.07
N GLY A 14 3.81 31.39 11.77
CA GLY A 14 2.38 31.62 11.66
C GLY A 14 1.46 30.67 12.43
N ILE A 15 1.97 29.66 13.14
CA ILE A 15 1.14 28.76 13.92
C ILE A 15 1.60 28.75 15.38
N LYS A 16 0.73 28.31 16.27
CA LYS A 16 1.03 28.17 17.69
C LYS A 16 1.37 26.69 17.92
N MET A 17 2.61 26.44 18.33
CA MET A 17 3.13 25.09 18.53
CA MET A 17 3.13 25.10 18.52
C MET A 17 3.25 24.81 20.02
N HIS A 18 2.79 23.62 20.42
CA HIS A 18 2.91 23.10 21.77
C HIS A 18 4.19 22.26 21.82
N TYR A 19 4.90 22.30 22.93
CA TYR A 19 5.99 21.38 23.15
C TYR A 19 6.12 21.07 24.64
N VAL A 20 6.88 20.03 24.95
CA VAL A 20 7.28 19.79 26.33
C VAL A 20 8.79 19.97 26.40
N THR A 21 9.26 20.37 27.58
CA THR A 21 10.69 20.60 27.73
C THR A 21 11.14 20.18 29.11
N GLN A 22 12.39 19.70 29.19
CA GLN A 22 12.99 19.36 30.47
C GLN A 22 14.50 19.51 30.32
N GLY A 23 15.13 20.04 31.35
CA GLY A 23 16.59 20.11 31.34
C GLY A 23 17.14 21.45 30.88
N LYS A 24 18.48 21.58 31.03
CA LYS A 24 19.20 22.77 30.61
CA LYS A 24 19.20 22.76 30.63
C LYS A 24 20.44 22.34 29.85
N GLY A 25 20.94 23.27 29.05
CA GLY A 25 22.14 23.01 28.26
C GLY A 25 21.85 23.09 26.75
N LYS A 26 22.53 22.25 25.98
CA LYS A 26 22.41 22.28 24.54
C LYS A 26 20.96 21.96 24.17
N LEU A 27 20.42 22.71 23.22
CA LEU A 27 19.07 22.42 22.74
C LEU A 27 19.07 21.11 21.97
N LEU A 28 18.24 20.17 22.41
CA LEU A 28 18.09 18.86 21.78
CA LEU A 28 18.10 18.87 21.78
C LEU A 28 16.62 18.72 21.43
N LEU A 29 16.30 18.81 20.12
CA LEU A 29 14.91 18.69 19.68
C LEU A 29 14.63 17.21 19.38
N LEU A 30 13.49 16.70 19.86
CA LEU A 30 13.06 15.34 19.54
C LEU A 30 11.76 15.50 18.74
N LEU A 31 11.77 14.98 17.48
CA LEU A 31 10.62 15.21 16.60
C LEU A 31 9.97 13.86 16.26
N HIS A 32 8.69 13.71 16.70
CA HIS A 32 7.90 12.52 16.44
C HIS A 32 7.39 12.47 15.00
N GLY A 33 6.71 11.34 14.69
CA GLY A 33 6.05 11.18 13.41
C GLY A 33 4.61 10.68 13.55
N PHE A 34 4.14 9.95 12.54
CA PHE A 34 2.74 9.52 12.52
C PHE A 34 2.60 8.11 13.08
N PRO A 35 1.55 7.73 13.88
CA PRO A 35 0.53 8.63 14.43
C PRO A 35 0.79 8.99 15.88
N ASP A 36 2.00 9.52 16.12
CA ASP A 36 2.47 9.77 17.48
C ASP A 36 2.33 11.26 17.79
N PHE A 37 3.02 11.71 18.83
CA PHE A 37 3.10 13.11 19.25
C PHE A 37 4.27 13.15 20.24
N TRP A 38 4.38 14.22 21.07
CA TRP A 38 5.58 14.34 21.89
C TRP A 38 5.78 13.09 22.77
N TYR A 39 4.65 12.48 23.18
CA TYR A 39 4.66 11.42 24.19
C TYR A 39 5.44 10.17 23.73
N VAL A 40 5.70 10.04 22.41
CA VAL A 40 6.47 8.92 21.91
C VAL A 40 7.87 8.93 22.51
N TRP A 41 8.29 10.10 22.96
CA TRP A 41 9.67 10.27 23.47
C TRP A 41 9.72 10.13 24.99
N ARG A 42 8.66 9.64 25.62
CA ARG A 42 8.56 9.61 27.08
C ARG A 42 9.71 8.84 27.75
N PHE A 43 10.36 7.87 27.10
CA PHE A 43 11.46 7.15 27.76
C PHE A 43 12.76 7.93 27.61
N GLN A 44 12.86 8.82 26.60
CA GLN A 44 14.13 9.50 26.38
C GLN A 44 14.18 10.84 27.08
N ILE A 45 13.02 11.50 27.27
CA ILE A 45 13.02 12.88 27.74
C ILE A 45 13.74 13.00 29.10
N PRO A 46 13.36 12.23 30.15
CA PRO A 46 14.00 12.47 31.45
C PRO A 46 15.49 12.08 31.47
N ALA A 47 15.86 11.00 30.78
CA ALA A 47 17.26 10.59 30.71
C ALA A 47 18.08 11.67 29.99
N LEU A 48 17.63 12.13 28.82
CA LEU A 48 18.43 13.13 28.09
C LEU A 48 18.41 14.46 28.81
N ALA A 49 17.36 14.75 29.59
CA ALA A 49 17.27 16.02 30.30
C ALA A 49 18.30 16.10 31.43
N LYS A 50 18.95 14.99 31.75
CA LYS A 50 20.02 15.05 32.75
CA LYS A 50 20.04 15.02 32.74
C LYS A 50 21.23 15.80 32.19
N HIS A 51 21.34 15.93 30.86
CA HIS A 51 22.50 16.55 30.24
C HIS A 51 22.14 17.73 29.35
N PHE A 52 20.91 17.78 28.79
CA PHE A 52 20.59 18.68 27.68
C PHE A 52 19.28 19.41 27.92
N ARG A 53 19.07 20.51 27.18
CA ARG A 53 17.76 21.15 27.17
C ARG A 53 16.90 20.42 26.14
N VAL A 54 16.06 19.50 26.62
CA VAL A 54 15.29 18.66 25.70
C VAL A 54 13.98 19.38 25.37
N VAL A 55 13.64 19.45 24.07
CA VAL A 55 12.33 20.00 23.64
C VAL A 55 11.74 19.01 22.66
N ALA A 56 10.50 18.57 23.00
CA ALA A 56 9.75 17.64 22.15
C ALA A 56 8.43 18.31 21.76
N PRO A 57 8.32 18.89 20.54
CA PRO A 57 7.10 19.55 20.08
C PRO A 57 6.11 18.56 19.50
N ASP A 58 4.84 18.99 19.53
CA ASP A 58 3.86 18.38 18.65
C ASP A 58 3.99 19.13 17.32
N LEU A 59 4.19 18.36 16.23
CA LEU A 59 4.33 18.99 14.92
C LEU A 59 3.03 19.65 14.46
N ARG A 60 3.14 20.52 13.46
CA ARG A 60 1.93 21.11 12.85
C ARG A 60 0.83 20.05 12.65
N GLY A 61 -0.38 20.40 13.14
CA GLY A 61 -1.50 19.48 12.91
C GLY A 61 -1.74 18.48 14.04
N TYR A 62 -0.77 18.28 14.93
CA TYR A 62 -0.84 17.19 15.89
C TYR A 62 -1.18 17.69 17.31
N ASN A 63 -1.98 16.88 18.05
CA ASN A 63 -2.21 17.03 19.46
C ASN A 63 -2.56 18.49 19.80
N GLU A 64 -1.71 19.18 20.57
CA GLU A 64 -2.07 20.53 21.02
C GLU A 64 -1.54 21.66 20.13
N THR A 65 -0.85 21.29 19.01
CA THR A 65 -0.39 22.31 18.10
C THR A 65 -1.53 22.74 17.17
N ASP A 66 -1.40 23.95 16.61
CA ASP A 66 -2.41 24.44 15.65
C ASP A 66 -2.54 23.49 14.46
N LYS A 67 -3.73 23.55 13.80
CA LYS A 67 -4.11 22.64 12.72
C LYS A 67 -4.72 23.47 11.59
N PRO A 68 -3.89 24.16 10.80
CA PRO A 68 -4.40 24.99 9.70
C PRO A 68 -5.17 24.09 8.73
N GLU A 69 -6.17 24.67 8.05
CA GLU A 69 -6.92 23.93 7.05
CA GLU A 69 -6.93 23.95 7.05
C GLU A 69 -6.18 23.97 5.73
N GLY A 70 -6.31 22.89 4.96
CA GLY A 70 -5.82 22.89 3.59
C GLY A 70 -4.56 22.03 3.49
N VAL A 71 -4.58 21.13 2.52
CA VAL A 71 -3.48 20.23 2.26
C VAL A 71 -2.17 21.01 2.03
N GLU A 72 -2.21 22.16 1.34
CA GLU A 72 -1.00 22.89 0.96
CA GLU A 72 -0.92 22.75 0.97
C GLU A 72 -0.26 23.41 2.18
N ASN A 73 -0.98 23.52 3.31
CA ASN A 73 -0.38 23.99 4.55
C ASN A 73 0.45 22.91 5.24
N TYR A 74 0.57 21.72 4.61
CA TYR A 74 1.36 20.64 5.19
C TYR A 74 2.56 20.29 4.30
N ARG A 75 2.90 21.16 3.33
CA ARG A 75 4.06 20.91 2.50
CA ARG A 75 4.06 20.92 2.49
C ARG A 75 5.32 20.93 3.35
N LEU A 76 6.27 20.08 2.99
CA LEU A 76 7.47 19.83 3.80
C LEU A 76 8.25 21.12 4.03
N ASP A 77 8.26 22.04 3.07
CA ASP A 77 8.98 23.28 3.30
CA ASP A 77 9.00 23.28 3.31
C ASP A 77 8.42 24.02 4.52
N LEU A 78 7.08 24.00 4.69
CA LEU A 78 6.48 24.69 5.81
C LEU A 78 6.77 23.97 7.11
N LEU A 79 6.79 22.63 7.07
CA LEU A 79 7.03 21.82 8.26
C LEU A 79 8.46 22.11 8.75
N ALA A 80 9.40 22.19 7.81
CA ALA A 80 10.77 22.50 8.21
C ALA A 80 10.88 23.91 8.76
N LYS A 81 10.17 24.86 8.17
CA LYS A 81 10.25 26.24 8.65
CA LYS A 81 10.24 26.24 8.64
C LYS A 81 9.67 26.37 10.05
N ASP A 82 8.68 25.50 10.36
CA ASP A 82 8.13 25.51 11.71
C ASP A 82 9.26 25.18 12.71
N ILE A 83 10.11 24.19 12.37
CA ILE A 83 11.18 23.80 13.30
C ILE A 83 12.27 24.86 13.36
N LEU A 84 12.61 25.43 12.21
CA LEU A 84 13.55 26.54 12.19
C LEU A 84 13.03 27.65 13.13
N GLY A 85 11.73 28.00 13.02
CA GLY A 85 11.13 29.06 13.83
C GLY A 85 11.10 28.68 15.31
N LEU A 86 10.92 27.40 15.61
CA LEU A 86 10.89 26.92 16.99
C LEU A 86 12.25 27.12 17.65
N ILE A 87 13.33 26.77 16.91
CA ILE A 87 14.66 27.02 17.44
C ILE A 87 14.83 28.49 17.84
N LYS A 88 14.45 29.41 16.96
CA LYS A 88 14.57 30.84 17.24
C LYS A 88 13.66 31.24 18.41
N ALA A 89 12.41 30.72 18.43
CA ALA A 89 11.49 31.13 19.49
C ALA A 89 11.95 30.65 20.87
N LEU A 90 12.77 29.59 20.92
CA LEU A 90 13.32 29.05 22.16
C LEU A 90 14.53 29.87 22.61
N GLY A 91 14.84 30.96 21.88
CA GLY A 91 15.99 31.78 22.25
C GLY A 91 17.30 31.21 21.73
N GLU A 92 17.25 30.31 20.75
CA GLU A 92 18.48 29.59 20.34
C GLU A 92 18.77 29.86 18.87
N GLU A 93 20.01 29.53 18.47
CA GLU A 93 20.40 29.62 17.08
C GLU A 93 20.68 28.22 16.51
N HIS A 94 21.11 27.28 17.36
CA HIS A 94 21.41 25.95 16.87
C HIS A 94 20.79 24.89 17.77
N ALA A 95 20.47 23.73 17.18
CA ALA A 95 19.99 22.60 17.94
C ALA A 95 20.62 21.30 17.46
N VAL A 96 20.73 20.34 18.38
CA VAL A 96 20.85 18.97 17.94
C VAL A 96 19.44 18.50 17.61
N VAL A 97 19.24 17.89 16.46
CA VAL A 97 17.89 17.60 15.99
C VAL A 97 17.78 16.10 15.81
N VAL A 98 16.79 15.48 16.51
CA VAL A 98 16.56 14.05 16.47
C VAL A 98 15.18 13.88 15.86
N GLY A 99 15.06 13.05 14.83
CA GLY A 99 13.75 12.88 14.20
C GLY A 99 13.46 11.42 13.92
N HIS A 100 12.22 11.02 14.24
CA HIS A 100 11.72 9.67 13.98
C HIS A 100 10.57 9.78 12.97
N ASP A 101 10.54 8.88 11.98
CA ASP A 101 9.38 8.83 11.08
C ASP A 101 9.29 10.19 10.38
N TRP A 102 8.08 10.76 10.22
CA TRP A 102 7.99 12.08 9.61
C TRP A 102 8.94 13.11 10.26
N GLY A 103 9.11 13.02 11.58
CA GLY A 103 10.04 13.92 12.26
C GLY A 103 11.45 13.78 11.67
N GLY A 104 11.79 12.55 11.31
CA GLY A 104 13.11 12.26 10.67
C GLY A 104 13.11 12.88 9.26
N ILE A 105 12.00 12.76 8.51
CA ILE A 105 11.97 13.38 7.18
C ILE A 105 12.19 14.88 7.30
N ILE A 106 11.51 15.52 8.27
CA ILE A 106 11.68 16.93 8.50
C ILE A 106 13.12 17.24 8.92
N SER A 107 13.70 16.41 9.78
CA SER A 107 15.08 16.59 10.23
C SER A 107 16.10 16.48 9.08
N TRP A 108 15.94 15.45 8.22
CA TRP A 108 16.85 15.41 7.06
C TRP A 108 16.75 16.70 6.23
N THR A 109 15.52 17.19 6.04
CA THR A 109 15.27 18.35 5.18
C THR A 109 15.84 19.62 5.81
N LEU A 110 15.59 19.79 7.12
CA LEU A 110 16.03 20.99 7.79
C LEU A 110 17.56 21.02 7.73
N THR A 111 18.18 19.84 7.89
CA THR A 111 19.63 19.77 7.96
C THR A 111 20.22 20.08 6.58
N ALA A 112 19.56 19.56 5.54
CA ALA A 112 20.13 19.72 4.20
C ALA A 112 20.01 21.20 3.77
N PHE A 113 18.87 21.86 4.06
CA PHE A 113 18.59 23.18 3.50
C PHE A 113 18.91 24.31 4.48
N ASN A 114 19.06 23.98 5.76
CA ASN A 114 19.34 24.99 6.78
C ASN A 114 20.43 24.45 7.70
N PRO A 115 21.64 24.11 7.19
CA PRO A 115 22.67 23.47 7.98
C PRO A 115 23.10 24.39 9.13
N GLN A 116 22.94 25.72 8.97
CA GLN A 116 23.34 26.65 10.01
C GLN A 116 22.57 26.40 11.31
N ALA A 117 21.34 25.88 11.22
CA ALA A 117 20.48 25.76 12.39
C ALA A 117 20.76 24.42 13.10
N VAL A 118 21.34 23.43 12.37
CA VAL A 118 21.46 22.07 12.92
C VAL A 118 22.91 21.75 13.27
N GLU A 119 23.20 21.58 14.57
CA GLU A 119 24.57 21.32 15.00
C GLU A 119 24.94 19.86 14.73
N LYS A 120 24.05 18.93 15.09
CA LYS A 120 24.19 17.51 14.79
CA LYS A 120 24.19 17.51 14.80
C LYS A 120 22.82 16.93 14.49
N LEU A 121 22.77 15.86 13.71
CA LEU A 121 21.52 15.25 13.24
C LEU A 121 21.47 13.81 13.74
N VAL A 122 20.30 13.40 14.26
CA VAL A 122 20.04 11.98 14.57
C VAL A 122 18.73 11.63 13.88
N ILE A 123 18.76 10.47 13.21
CA ILE A 123 17.59 9.93 12.49
C ILE A 123 17.28 8.56 13.07
N LEU A 124 15.99 8.34 13.42
CA LEU A 124 15.51 7.00 13.74
C LEU A 124 14.49 6.59 12.68
N ASN A 125 14.83 5.52 11.95
CA ASN A 125 13.85 4.90 11.06
C ASN A 125 13.05 5.89 10.21
N ALA A 126 13.76 6.75 9.48
CA ALA A 126 13.14 7.59 8.45
C ALA A 126 14.09 7.54 7.26
N PRO A 127 13.63 7.13 6.06
CA PRO A 127 14.55 7.12 4.94
C PRO A 127 14.90 8.55 4.54
N HIS A 128 16.07 8.69 3.92
CA HIS A 128 16.40 9.97 3.35
C HIS A 128 15.35 10.27 2.27
N PRO A 129 14.82 11.51 2.20
CA PRO A 129 13.76 11.82 1.25
C PRO A 129 14.13 11.59 -0.21
N LYS A 130 15.41 11.80 -0.54
CA LYS A 130 15.82 11.58 -1.93
CA LYS A 130 15.81 11.58 -1.92
C LYS A 130 15.84 10.08 -2.24
N ALA A 131 16.22 9.27 -1.27
CA ALA A 131 16.25 7.82 -1.45
C ALA A 131 14.79 7.34 -1.62
N TYR A 132 13.85 7.87 -0.83
CA TYR A 132 12.46 7.46 -1.00
C TYR A 132 11.94 7.83 -2.38
N MET A 133 12.18 9.07 -2.79
CA MET A 133 11.64 9.59 -4.04
C MET A 133 12.28 8.91 -5.26
N THR A 134 13.58 8.58 -5.14
CA THR A 134 14.25 7.91 -6.25
C THR A 134 13.80 6.47 -6.39
N ARG A 135 13.74 5.75 -5.28
CA ARG A 135 13.72 4.31 -5.28
C ARG A 135 12.31 3.72 -5.23
N THR A 136 11.34 4.45 -4.61
CA THR A 136 10.09 3.75 -4.31
C THR A 136 9.39 3.30 -5.60
N LYS A 137 9.32 4.19 -6.59
CA LYS A 137 8.62 3.93 -7.85
C LYS A 137 9.14 2.68 -8.56
N ASN A 138 10.35 2.23 -8.20
CA ASN A 138 10.97 1.10 -8.87
C ASN A 138 11.05 -0.11 -7.95
N SER A 139 10.44 0.00 -6.75
CA SER A 139 10.59 -1.05 -5.76
C SER A 139 9.20 -1.59 -5.42
N LEU A 140 8.84 -2.76 -5.92
CA LEU A 140 7.57 -3.36 -5.52
C LEU A 140 7.50 -3.51 -4.00
N ARG A 141 8.59 -3.91 -3.35
CA ARG A 141 8.59 -4.15 -1.91
CA ARG A 141 8.59 -4.15 -1.91
C ARG A 141 8.22 -2.86 -1.18
N GLN A 142 8.84 -1.74 -1.58
CA GLN A 142 8.52 -0.48 -0.92
C GLN A 142 7.09 -0.04 -1.26
N LEU A 143 6.65 -0.22 -2.52
CA LEU A 143 5.29 0.21 -2.84
C LEU A 143 4.27 -0.53 -1.98
N GLN A 144 4.49 -1.85 -1.80
CA GLN A 144 3.66 -2.67 -0.92
C GLN A 144 3.69 -2.11 0.49
N LYS A 145 4.88 -1.88 1.03
CA LYS A 145 4.97 -1.38 2.40
CA LYS A 145 4.97 -1.38 2.40
C LYS A 145 4.33 0.00 2.51
N SER A 146 4.29 0.77 1.41
CA SER A 146 3.69 2.10 1.40
C SER A 146 2.21 2.09 1.02
N TRP A 147 1.52 0.94 1.20
CA TRP A 147 0.11 0.87 0.84
C TRP A 147 -0.70 2.00 1.44
N TYR A 148 -0.38 2.34 2.72
CA TYR A 148 -1.21 3.27 3.47
C TYR A 148 -1.04 4.69 2.92
N VAL A 149 0.12 4.97 2.32
CA VAL A 149 0.34 6.27 1.71
C VAL A 149 -0.73 6.51 0.61
N PHE A 150 -1.00 5.48 -0.19
CA PHE A 150 -1.99 5.59 -1.23
C PHE A 150 -3.38 5.64 -0.61
N PHE A 151 -3.63 4.82 0.43
CA PHE A 151 -4.93 4.84 1.10
C PHE A 151 -5.25 6.27 1.57
N PHE A 152 -4.24 6.92 2.15
CA PHE A 152 -4.47 8.22 2.73
C PHE A 152 -4.70 9.34 1.72
N GLN A 153 -4.50 9.07 0.42
CA GLN A 153 -4.67 10.13 -0.56
C GLN A 153 -6.14 10.47 -0.77
N VAL A 154 -7.06 9.53 -0.55
CA VAL A 154 -8.47 9.82 -0.75
C VAL A 154 -8.97 10.82 0.30
N ALA A 155 -9.78 11.80 -0.10
CA ALA A 155 -10.33 12.80 0.80
C ALA A 155 -11.40 12.17 1.69
N ASN A 156 -11.40 12.56 2.99
CA ASN A 156 -12.49 12.34 3.93
C ASN A 156 -12.64 10.91 4.45
N ILE A 157 -12.60 9.92 3.55
CA ILE A 157 -12.92 8.55 3.87
CA ILE A 157 -12.97 8.58 3.96
C ILE A 157 -11.88 7.90 4.78
N PRO A 158 -10.56 8.07 4.56
CA PRO A 158 -9.62 7.43 5.46
C PRO A 158 -9.75 7.93 6.90
N GLU A 159 -9.95 9.23 7.09
CA GLU A 159 -10.15 9.74 8.46
C GLU A 159 -11.35 9.06 9.14
N LYS A 160 -12.45 8.87 8.40
CA LYS A 160 -13.62 8.23 8.98
C LYS A 160 -13.35 6.78 9.31
N ILE A 161 -12.71 6.05 8.39
CA ILE A 161 -12.37 4.66 8.64
C ILE A 161 -11.46 4.50 9.85
N LEU A 162 -10.39 5.31 9.93
CA LEU A 162 -9.44 5.17 11.02
CA LEU A 162 -9.43 5.19 11.02
C LEU A 162 -10.10 5.47 12.37
N SER A 163 -11.08 6.38 12.37
CA SER A 163 -11.66 6.91 13.61
C SER A 163 -12.89 6.13 14.10
N ARG A 164 -13.53 5.34 13.24
CA ARG A 164 -14.79 4.68 13.62
C ARG A 164 -14.56 3.73 14.79
N ASN A 165 -15.62 3.49 15.61
CA ASN A 165 -15.53 2.56 16.72
C ASN A 165 -14.38 2.92 17.66
N GLU A 166 -14.27 4.21 18.01
CA GLU A 166 -13.24 4.74 18.92
C GLU A 166 -11.85 4.37 18.39
N PHE A 167 -11.59 4.72 17.11
CA PHE A 167 -10.27 4.54 16.53
C PHE A 167 -9.86 3.07 16.41
N ALA A 168 -10.81 2.14 16.23
CA ALA A 168 -10.44 0.72 16.20
C ALA A 168 -9.42 0.46 15.06
N PHE A 169 -9.71 0.95 13.84
CA PHE A 169 -8.77 0.63 12.74
C PHE A 169 -7.40 1.29 12.94
N LEU A 170 -7.37 2.57 13.38
CA LEU A 170 -6.05 3.20 13.59
C LEU A 170 -5.27 2.43 14.65
N LYS A 171 -5.91 2.02 15.77
CA LYS A 171 -5.21 1.23 16.76
C LYS A 171 -4.71 -0.08 16.18
N ASN A 172 -5.57 -0.77 15.41
CA ASN A 172 -5.22 -2.06 14.85
CA ASN A 172 -5.22 -2.06 14.86
C ASN A 172 -4.06 -1.92 13.85
N MET A 173 -4.13 -0.90 12.98
CA MET A 173 -3.08 -0.72 11.97
C MET A 173 -1.79 -0.32 12.67
N LEU A 174 -1.92 0.45 13.77
CA LEU A 174 -0.73 0.82 14.49
C LEU A 174 -0.13 -0.44 15.13
N ILE A 175 -0.94 -1.21 15.87
CA ILE A 175 -0.42 -2.37 16.58
C ILE A 175 0.20 -3.38 15.60
N GLN A 176 -0.36 -3.49 14.39
CA GLN A 176 0.17 -4.47 13.46
CA GLN A 176 0.17 -4.48 13.45
C GLN A 176 1.50 -4.01 12.86
N SER A 177 1.87 -2.75 13.13
CA SER A 177 3.14 -2.23 12.64
CA SER A 177 3.15 -2.27 12.61
C SER A 177 4.26 -2.53 13.63
N PHE A 178 3.91 -3.02 14.83
CA PHE A 178 4.94 -3.22 15.83
C PHE A 178 5.54 -4.63 15.76
N VAL A 179 6.76 -4.78 16.32
CA VAL A 179 7.44 -6.07 16.35
C VAL A 179 6.75 -7.05 17.30
N ARG A 180 6.27 -6.54 18.44
CA ARG A 180 5.42 -7.25 19.37
C ARG A 180 4.11 -6.48 19.56
N ARG A 181 2.99 -7.20 19.62
CA ARG A 181 1.64 -6.62 19.60
C ARG A 181 1.36 -5.81 20.87
N ASP A 182 2.15 -6.05 21.94
CA ASP A 182 1.91 -5.50 23.26
C ASP A 182 2.88 -4.36 23.58
N LEU A 183 3.56 -3.81 22.55
CA LEU A 183 4.43 -2.66 22.74
C LEU A 183 3.76 -1.49 23.49
N LEU A 184 2.51 -1.15 23.14
CA LEU A 184 1.79 -0.13 23.87
C LEU A 184 0.80 -0.81 24.80
N THR A 185 0.72 -0.28 26.01
CA THR A 185 -0.28 -0.75 26.96
C THR A 185 -1.64 -0.16 26.58
N GLU A 186 -2.72 -0.70 27.16
CA GLU A 186 -4.04 -0.08 27.00
CA GLU A 186 -4.05 -0.10 27.03
C GLU A 186 -4.04 1.36 27.49
N GLU A 187 -3.26 1.65 28.55
CA GLU A 187 -3.17 2.99 29.07
C GLU A 187 -2.51 3.91 28.03
N ASP A 188 -1.42 3.43 27.38
CA ASP A 188 -0.79 4.20 26.31
C ASP A 188 -1.82 4.48 25.21
N LEU A 189 -2.60 3.46 24.84
CA LEU A 189 -3.61 3.62 23.79
C LEU A 189 -4.68 4.64 24.14
N ARG A 190 -5.08 4.72 25.42
CA ARG A 190 -6.03 5.73 25.86
CA ARG A 190 -6.02 5.74 25.87
C ARG A 190 -5.42 7.12 25.68
N ILE A 191 -4.13 7.26 26.05
CA ILE A 191 -3.44 8.53 25.91
C ILE A 191 -3.32 8.91 24.43
N TYR A 192 -3.03 7.92 23.57
CA TYR A 192 -2.96 8.22 22.15
C TYR A 192 -4.33 8.65 21.61
N VAL A 193 -5.41 7.96 22.02
CA VAL A 193 -6.74 8.33 21.52
C VAL A 193 -7.07 9.79 21.88
N ASP A 194 -6.63 10.22 23.07
CA ASP A 194 -6.88 11.60 23.45
C ASP A 194 -6.20 12.58 22.48
N ALA A 195 -4.96 12.27 22.07
CA ALA A 195 -4.29 13.16 21.11
C ALA A 195 -4.93 13.03 19.73
N TRP A 196 -5.33 11.81 19.34
CA TRP A 196 -5.97 11.62 18.02
C TRP A 196 -7.30 12.33 17.89
N SER A 197 -7.95 12.55 19.04
CA SER A 197 -9.31 13.08 19.04
C SER A 197 -9.35 14.60 19.07
N LYS A 198 -8.20 15.26 19.27
CA LYS A 198 -8.20 16.72 19.19
C LYS A 198 -8.80 17.07 17.82
N SER A 199 -9.72 18.03 17.80
CA SER A 199 -10.50 18.31 16.61
CA SER A 199 -10.50 18.33 16.61
C SER A 199 -9.60 18.67 15.43
N GLY A 200 -9.75 17.94 14.32
CA GLY A 200 -8.97 18.23 13.14
C GLY A 200 -7.63 17.48 13.11
N ALA A 201 -7.25 16.81 14.21
CA ALA A 201 -5.87 16.29 14.23
C ALA A 201 -5.63 15.22 13.14
N LEU A 202 -6.55 14.29 13.00
CA LEU A 202 -6.32 13.19 12.06
C LEU A 202 -6.24 13.70 10.62
N THR A 203 -7.17 14.59 10.19
CA THR A 203 -7.11 15.16 8.86
C THR A 203 -5.75 15.82 8.65
N SER A 204 -5.29 16.60 9.65
CA SER A 204 -4.06 17.34 9.50
C SER A 204 -2.88 16.36 9.33
N ALA A 205 -2.88 15.29 10.14
CA ALA A 205 -1.80 14.32 10.03
C ALA A 205 -1.81 13.63 8.65
N LEU A 206 -3.01 13.29 8.13
CA LEU A 206 -3.03 12.62 6.82
C LEU A 206 -2.65 13.60 5.71
N ASN A 207 -2.88 14.90 5.91
CA ASN A 207 -2.54 15.92 4.94
C ASN A 207 -1.02 15.91 4.68
N TYR A 208 -0.19 15.44 5.63
CA TYR A 208 1.24 15.36 5.32
C TYR A 208 1.46 14.43 4.10
N TYR A 209 0.69 13.34 4.01
CA TYR A 209 0.87 12.36 2.93
C TYR A 209 0.26 12.92 1.64
N ARG A 210 -0.86 13.65 1.75
CA ARG A 210 -1.50 14.23 0.59
C ARG A 210 -0.64 15.35 -0.02
N ALA A 211 0.06 16.14 0.83
CA ALA A 211 0.82 17.28 0.35
C ALA A 211 2.15 16.82 -0.23
N ASN A 212 2.74 15.79 0.35
CA ASN A 212 4.16 15.50 0.05
C ASN A 212 4.37 14.15 -0.64
N LEU A 213 3.38 13.25 -0.62
CA LEU A 213 3.60 11.88 -1.07
C LEU A 213 2.45 11.44 -1.96
N ASN A 214 1.86 12.40 -2.66
CA ASN A 214 0.79 12.05 -3.60
C ASN A 214 1.40 11.32 -4.80
N PRO A 215 0.61 10.58 -5.58
CA PRO A 215 1.21 9.75 -6.62
C PRO A 215 1.96 10.56 -7.67
N ASP A 216 1.53 11.78 -7.96
CA ASP A 216 2.30 12.62 -8.89
C ASP A 216 3.72 12.88 -8.37
N ILE A 217 3.88 13.06 -7.08
CA ILE A 217 5.24 13.17 -6.53
C ILE A 217 6.00 11.83 -6.59
N ILE A 218 5.38 10.73 -6.09
CA ILE A 218 6.03 9.44 -6.00
C ILE A 218 6.53 8.99 -7.38
N PHE A 219 5.69 9.20 -8.41
CA PHE A 219 6.01 8.66 -9.72
C PHE A 219 6.53 9.77 -10.65
N SER A 220 7.04 10.85 -10.07
CA SER A 220 7.47 12.04 -10.80
C SER A 220 8.67 11.69 -11.67
N GLU A 221 8.77 12.35 -12.82
CA GLU A 221 9.95 12.20 -13.66
C GLU A 221 10.93 13.34 -13.38
N LYS A 222 10.50 14.34 -12.60
CA LYS A 222 11.41 15.39 -12.16
C LYS A 222 12.38 14.77 -11.13
N THR A 223 13.62 15.24 -11.06
CA THR A 223 14.47 14.72 -9.97
C THR A 223 14.61 15.76 -8.88
N VAL A 224 14.63 15.28 -7.63
CA VAL A 224 14.68 16.11 -6.43
C VAL A 224 16.13 16.51 -6.19
N VAL A 225 16.38 17.82 -6.08
CA VAL A 225 17.70 18.30 -5.71
C VAL A 225 17.72 18.44 -4.19
N PHE A 226 18.68 17.78 -3.56
CA PHE A 226 18.81 17.77 -2.11
C PHE A 226 20.28 17.93 -1.75
N PRO A 227 20.71 19.05 -1.14
CA PRO A 227 22.10 19.20 -0.72
C PRO A 227 22.54 18.03 0.14
N LYS A 228 23.83 17.72 0.05
CA LYS A 228 24.44 16.72 0.92
CA LYS A 228 24.46 16.73 0.92
C LYS A 228 24.37 17.24 2.36
N ILE A 229 24.30 16.28 3.29
CA ILE A 229 24.30 16.65 4.71
C ILE A 229 25.74 16.94 5.09
N LYS A 230 25.96 18.11 5.74
CA LYS A 230 27.30 18.58 6.06
CA LYS A 230 27.31 18.57 6.06
C LYS A 230 27.51 18.68 7.56
N VAL A 231 26.66 18.01 8.35
CA VAL A 231 26.86 18.05 9.80
C VAL A 231 26.93 16.60 10.32
N PRO A 232 27.60 16.33 11.45
CA PRO A 232 27.73 14.95 11.97
C PRO A 232 26.33 14.33 12.11
N THR A 233 26.21 13.06 11.69
CA THR A 233 24.92 12.39 11.60
C THR A 233 25.03 11.02 12.27
N LEU A 234 24.01 10.69 13.08
CA LEU A 234 23.85 9.37 13.66
C LEU A 234 22.52 8.81 13.15
N VAL A 235 22.54 7.56 12.68
CA VAL A 235 21.28 6.95 12.27
C VAL A 235 21.08 5.75 13.19
N ILE A 236 19.85 5.60 13.75
CA ILE A 236 19.50 4.42 14.52
C ILE A 236 18.43 3.70 13.72
N TRP A 237 18.60 2.38 13.46
CA TRP A 237 17.73 1.74 12.49
C TRP A 237 17.26 0.37 12.97
N GLY A 238 15.96 0.26 13.30
CA GLY A 238 15.38 -1.04 13.61
C GLY A 238 15.07 -1.77 12.31
N GLU A 239 15.65 -2.97 12.13
CA GLU A 239 15.65 -3.57 10.82
CA GLU A 239 15.65 -3.59 10.82
C GLU A 239 14.30 -4.24 10.49
N LYS A 240 13.48 -4.51 11.49
CA LYS A 240 12.21 -5.19 11.25
CA LYS A 240 12.21 -5.20 11.25
C LYS A 240 11.10 -4.19 10.98
N ASP A 241 11.41 -3.10 10.33
CA ASP A 241 10.51 -1.98 10.08
C ASP A 241 9.48 -2.41 9.02
N VAL A 242 8.20 -2.41 9.41
CA VAL A 242 7.13 -2.84 8.50
CA VAL A 242 7.13 -2.84 8.50
C VAL A 242 6.93 -1.83 7.37
N ALA A 243 7.33 -0.57 7.57
CA ALA A 243 6.99 0.50 6.65
C ALA A 243 8.10 0.84 5.66
N ILE A 244 9.34 0.46 5.99
CA ILE A 244 10.46 0.94 5.17
C ILE A 244 11.32 -0.26 4.82
N SER A 245 11.48 -0.48 3.51
CA SER A 245 12.30 -1.57 3.01
C SER A 245 13.78 -1.20 3.19
N LYS A 246 14.59 -2.22 3.51
CA LYS A 246 16.04 -2.08 3.60
C LYS A 246 16.60 -1.58 2.26
N ASP A 247 15.86 -1.77 1.15
CA ASP A 247 16.25 -1.22 -0.15
C ASP A 247 16.44 0.30 -0.14
N LEU A 248 15.72 0.98 0.75
CA LEU A 248 15.79 2.44 0.78
C LEU A 248 16.99 2.94 1.59
N ILE A 249 17.66 2.09 2.38
CA ILE A 249 18.80 2.61 3.14
C ILE A 249 20.12 2.08 2.57
N VAL A 250 20.09 1.27 1.52
CA VAL A 250 21.34 0.93 0.83
C VAL A 250 22.07 2.21 0.42
N ASN A 251 23.40 2.31 0.71
CA ASN A 251 24.25 3.43 0.30
C ASN A 251 23.79 4.75 0.91
N MET A 252 23.13 4.66 2.09
CA MET A 252 22.61 5.90 2.69
C MET A 252 23.74 6.89 3.02
N GLU A 253 24.95 6.38 3.26
CA GLU A 253 26.04 7.29 3.59
C GLU A 253 26.42 8.20 2.42
N ASP A 254 25.95 7.87 1.20
CA ASP A 254 26.25 8.69 0.04
C ASP A 254 25.67 10.10 0.18
N PHE A 255 24.61 10.25 1.00
CA PHE A 255 23.95 11.53 1.18
C PHE A 255 24.65 12.42 2.20
N ILE A 256 25.74 11.89 2.80
CA ILE A 256 26.38 12.57 3.92
C ILE A 256 27.84 12.90 3.54
N GLU A 257 28.25 14.15 3.74
CA GLU A 257 29.64 14.55 3.59
C GLU A 257 30.07 15.13 4.94
N ALA A 258 30.12 14.26 5.95
CA ALA A 258 30.44 14.65 7.31
C ALA A 258 30.53 13.36 8.09
N PRO A 259 30.93 13.39 9.37
CA PRO A 259 30.99 12.18 10.19
C PRO A 259 29.61 11.50 10.19
N TYR A 260 29.63 10.18 10.08
CA TYR A 260 28.37 9.46 9.95
C TYR A 260 28.55 8.15 10.69
N SER A 261 27.55 7.76 11.50
CA SER A 261 27.57 6.47 12.14
C SER A 261 26.15 5.91 12.06
N ILE A 262 26.01 4.59 11.89
CA ILE A 262 24.69 3.98 11.91
C ILE A 262 24.72 2.83 12.92
N LYS A 263 23.67 2.77 13.75
CA LYS A 263 23.54 1.69 14.70
C LYS A 263 22.33 0.85 14.30
N TYR A 264 22.58 -0.41 13.92
CA TYR A 264 21.50 -1.26 13.47
C TYR A 264 20.95 -2.02 14.67
N PHE A 265 19.62 -2.16 14.70
CA PHE A 265 18.97 -2.94 15.74
C PHE A 265 18.23 -4.07 15.04
N PRO A 266 18.86 -5.27 14.87
CA PRO A 266 18.28 -6.32 14.03
C PRO A 266 16.93 -6.87 14.50
N GLU A 267 16.66 -6.77 15.80
CA GLU A 267 15.47 -7.39 16.35
CA GLU A 267 15.48 -7.39 16.37
C GLU A 267 14.40 -6.35 16.66
N CYS A 268 14.67 -5.08 16.33
CA CYS A 268 13.71 -4.02 16.62
C CYS A 268 13.03 -3.58 15.33
N GLY A 269 11.83 -2.97 15.47
CA GLY A 269 11.15 -2.50 14.28
C GLY A 269 11.22 -0.97 14.14
N HIS A 270 10.14 -0.37 13.67
CA HIS A 270 10.12 1.05 13.36
C HIS A 270 10.31 1.91 14.61
N TRP A 271 9.95 1.42 15.84
CA TRP A 271 10.07 2.26 17.03
C TRP A 271 11.18 1.76 17.97
N VAL A 272 12.45 1.91 17.54
CA VAL A 272 13.54 1.48 18.38
C VAL A 272 13.58 2.22 19.72
N GLN A 273 13.11 3.50 19.73
CA GLN A 273 13.12 4.29 20.95
C GLN A 273 12.17 3.70 22.01
N LEU A 274 11.21 2.85 21.61
CA LEU A 274 10.31 2.24 22.58
C LEU A 274 10.80 0.87 22.99
N GLU A 275 11.64 0.26 22.16
CA GLU A 275 12.03 -1.14 22.31
C GLU A 275 13.35 -1.31 23.03
N GLU A 276 14.29 -0.42 22.70
CA GLU A 276 15.63 -0.42 23.32
C GLU A 276 15.92 1.00 23.80
N PRO A 277 15.09 1.55 24.72
CA PRO A 277 15.18 2.96 25.08
C PRO A 277 16.53 3.35 25.65
N GLU A 278 17.13 2.46 26.43
CA GLU A 278 18.39 2.75 27.08
CA GLU A 278 18.39 2.72 27.10
C GLU A 278 19.53 2.80 26.08
N LEU A 279 19.57 1.85 25.13
CA LEU A 279 20.63 1.89 24.12
C LEU A 279 20.45 3.12 23.22
N VAL A 280 19.21 3.46 22.85
CA VAL A 280 18.96 4.70 22.12
C VAL A 280 19.51 5.91 22.84
N ARG A 281 19.14 6.05 24.10
CA ARG A 281 19.56 7.19 24.89
C ARG A 281 21.09 7.23 24.91
N LYS A 282 21.71 6.07 25.18
CA LYS A 282 23.16 6.01 25.28
C LYS A 282 23.80 6.42 23.96
N HIS A 283 23.30 5.86 22.86
CA HIS A 283 23.95 6.21 21.59
C HIS A 283 23.80 7.70 21.30
N ILE A 284 22.61 8.27 21.56
CA ILE A 284 22.44 9.69 21.29
C ILE A 284 23.40 10.50 22.16
N GLU A 285 23.44 10.20 23.47
CA GLU A 285 24.26 11.01 24.38
C GLU A 285 25.73 10.93 23.98
N GLU A 286 26.23 9.74 23.70
CA GLU A 286 27.63 9.58 23.36
CA GLU A 286 27.64 9.57 23.34
C GLU A 286 27.95 10.38 22.09
N PHE A 287 27.03 10.36 21.14
CA PHE A 287 27.22 11.05 19.87
C PHE A 287 27.27 12.56 20.10
N ILE A 288 26.36 13.13 20.93
CA ILE A 288 26.36 14.56 21.14
C ILE A 288 27.61 14.98 21.95
N LEU A 289 27.99 14.20 22.97
CA LEU A 289 29.06 14.63 23.87
C LEU A 289 30.45 14.39 23.29
N LYS A 290 30.59 13.60 22.21
CA LYS A 290 31.90 13.29 21.60
CA LYS A 290 31.95 13.34 21.78
C LYS A 290 32.53 14.60 21.16
N SER A 291 33.75 14.95 21.64
CA SER A 291 34.42 16.11 21.11
C SER A 291 34.67 15.91 19.60
N ASP A 292 34.59 16.97 18.83
CA ASP A 292 34.86 16.95 17.42
C ASP A 292 36.37 17.15 17.21
N ILE A 293 37.08 17.56 18.28
CA ILE A 293 38.53 17.75 18.20
C ILE A 293 39.17 16.70 19.10
N HIS A 294 40.20 16.04 18.52
CA HIS A 294 40.82 14.93 19.24
C HIS A 294 42.32 15.18 19.36
N HIS A 295 42.71 16.02 20.31
CA HIS A 295 44.12 16.34 20.44
C HIS A 295 44.69 15.80 21.74
N HIS A 296 44.11 14.72 22.26
CA HIS A 296 44.76 14.08 23.41
C HIS A 296 44.51 12.57 23.44
N HIS A 297 44.95 11.90 22.37
CA HIS A 297 44.74 10.46 22.24
C HIS A 297 45.27 9.73 23.48
N HIS A 298 44.45 8.87 24.09
CA HIS A 298 44.92 7.98 25.14
C HIS A 298 45.24 8.73 26.44
N HIS A 299 44.71 9.95 26.58
CA HIS A 299 44.79 10.70 27.83
C HIS A 299 43.37 10.99 28.30
N MET B 4 -11.01 -23.47 -36.37
CA MET B 4 -10.50 -22.09 -36.56
C MET B 4 -11.02 -21.23 -35.40
N LEU B 5 -10.11 -20.48 -34.76
CA LEU B 5 -10.54 -19.53 -33.74
C LEU B 5 -11.30 -18.41 -34.43
N LYS B 6 -12.51 -18.10 -33.93
CA LYS B 6 -13.34 -17.08 -34.59
CA LYS B 6 -13.31 -17.08 -34.60
C LYS B 6 -13.68 -15.96 -33.61
N HIS B 7 -13.69 -14.72 -34.12
CA HIS B 7 -14.13 -13.55 -33.35
C HIS B 7 -15.63 -13.34 -33.53
N GLU B 8 -16.30 -12.94 -32.45
CA GLU B 8 -17.74 -12.76 -32.48
CA GLU B 8 -17.74 -12.79 -32.44
C GLU B 8 -18.12 -11.62 -31.54
N TYR B 9 -19.29 -11.03 -31.80
CA TYR B 9 -19.86 -9.99 -30.97
C TYR B 9 -21.31 -10.34 -30.69
N VAL B 10 -21.73 -10.09 -29.46
CA VAL B 10 -23.10 -10.41 -29.10
C VAL B 10 -23.59 -9.39 -28.08
N LYS B 11 -24.87 -9.02 -28.16
CA LYS B 11 -25.47 -8.12 -27.18
C LYS B 11 -25.82 -8.89 -25.91
N VAL B 12 -25.38 -8.38 -24.75
CA VAL B 12 -25.72 -8.95 -23.45
C VAL B 12 -25.94 -7.81 -22.45
N ASN B 13 -27.00 -7.88 -21.61
CA ASN B 13 -27.12 -7.03 -20.44
C ASN B 13 -26.91 -5.55 -20.81
N GLY B 14 -27.43 -5.15 -21.97
CA GLY B 14 -27.39 -3.78 -22.42
C GLY B 14 -26.09 -3.37 -23.12
N ILE B 15 -25.10 -4.26 -23.25
CA ILE B 15 -23.82 -3.92 -23.84
C ILE B 15 -23.50 -4.89 -24.97
N LYS B 16 -22.55 -4.52 -25.82
CA LYS B 16 -22.02 -5.44 -26.81
C LYS B 16 -20.71 -6.02 -26.28
N MET B 17 -20.65 -7.36 -26.27
CA MET B 17 -19.48 -8.08 -25.78
CA MET B 17 -19.47 -8.07 -25.80
C MET B 17 -18.79 -8.78 -26.96
N HIS B 18 -17.48 -8.64 -27.01
CA HIS B 18 -16.64 -9.37 -27.94
C HIS B 18 -16.15 -10.66 -27.27
N TYR B 19 -16.05 -11.74 -28.07
CA TYR B 19 -15.44 -12.95 -27.56
C TYR B 19 -14.78 -13.69 -28.71
N VAL B 20 -13.88 -14.60 -28.36
CA VAL B 20 -13.38 -15.54 -29.35
C VAL B 20 -13.91 -16.91 -28.97
N THR B 21 -14.05 -17.76 -30.00
CA THR B 21 -14.58 -19.08 -29.75
C THR B 21 -13.90 -20.07 -30.68
N GLN B 22 -13.75 -21.31 -30.19
CA GLN B 22 -13.23 -22.39 -30.99
C GLN B 22 -13.80 -23.68 -30.40
N GLY B 23 -14.14 -24.63 -31.28
CA GLY B 23 -14.54 -25.96 -30.86
C GLY B 23 -16.04 -26.12 -30.69
N LYS B 24 -16.48 -27.37 -30.42
CA LYS B 24 -17.88 -27.69 -30.26
C LYS B 24 -18.06 -28.56 -29.02
N GLY B 25 -19.31 -28.60 -28.54
CA GLY B 25 -19.64 -29.46 -27.42
C GLY B 25 -20.11 -28.66 -26.20
N LYS B 26 -19.62 -29.06 -25.04
CA LYS B 26 -20.00 -28.39 -23.81
C LYS B 26 -19.47 -26.97 -23.86
N LEU B 27 -20.29 -26.01 -23.47
CA LEU B 27 -19.80 -24.63 -23.37
C LEU B 27 -18.86 -24.49 -22.20
N LEU B 28 -17.64 -24.02 -22.48
CA LEU B 28 -16.61 -23.75 -21.52
C LEU B 28 -16.27 -22.24 -21.63
N LEU B 29 -16.54 -21.44 -20.59
CA LEU B 29 -16.21 -20.01 -20.59
C LEU B 29 -14.87 -19.82 -19.90
N LEU B 30 -13.95 -19.07 -20.55
CA LEU B 30 -12.70 -18.68 -19.91
C LEU B 30 -12.74 -17.17 -19.66
N LEU B 31 -12.64 -16.73 -18.40
CA LEU B 31 -12.83 -15.30 -18.07
C LEU B 31 -11.53 -14.72 -17.50
N HIS B 32 -10.93 -13.76 -18.22
CA HIS B 32 -9.69 -13.09 -17.84
C HIS B 32 -9.91 -12.06 -16.71
N GLY B 33 -8.80 -11.49 -16.26
CA GLY B 33 -8.86 -10.37 -15.30
C GLY B 33 -7.96 -9.21 -15.74
N PHE B 34 -7.39 -8.49 -14.76
CA PHE B 34 -6.61 -7.29 -15.03
C PHE B 34 -5.12 -7.60 -15.02
N PRO B 35 -4.29 -7.04 -15.94
CA PRO B 35 -4.70 -6.18 -17.06
C PRO B 35 -4.66 -6.96 -18.38
N ASP B 36 -5.49 -7.99 -18.44
CA ASP B 36 -5.49 -8.93 -19.55
C ASP B 36 -6.70 -8.72 -20.45
N PHE B 37 -7.00 -9.71 -21.29
CA PHE B 37 -8.20 -9.80 -22.11
C PHE B 37 -8.28 -11.26 -22.58
N TRP B 38 -9.09 -11.58 -23.61
CA TRP B 38 -9.26 -13.00 -23.98
C TRP B 38 -7.90 -13.66 -24.22
N TYR B 39 -6.93 -12.90 -24.72
CA TYR B 39 -5.66 -13.41 -25.21
C TYR B 39 -4.82 -14.04 -24.09
N VAL B 40 -5.17 -13.79 -22.82
CA VAL B 40 -4.43 -14.39 -21.72
C VAL B 40 -4.61 -15.91 -21.78
N TRP B 41 -5.69 -16.36 -22.44
CA TRP B 41 -6.00 -17.78 -22.53
C TRP B 41 -5.39 -18.43 -23.77
N ARG B 42 -4.47 -17.74 -24.46
CA ARG B 42 -3.95 -18.20 -25.75
C ARG B 42 -3.39 -19.63 -25.70
N PHE B 43 -2.84 -20.07 -24.55
CA PHE B 43 -2.25 -21.40 -24.49
C PHE B 43 -3.29 -22.49 -24.24
N GLN B 44 -4.44 -22.13 -23.67
CA GLN B 44 -5.43 -23.14 -23.30
C GLN B 44 -6.47 -23.33 -24.40
N ILE B 45 -6.77 -22.24 -25.16
CA ILE B 45 -7.92 -22.26 -26.04
C ILE B 45 -7.79 -23.42 -27.05
N PRO B 46 -6.68 -23.57 -27.82
CA PRO B 46 -6.66 -24.61 -28.86
C PRO B 46 -6.77 -26.03 -28.30
N ALA B 47 -6.09 -26.29 -27.19
CA ALA B 47 -6.13 -27.60 -26.56
C ALA B 47 -7.53 -27.91 -26.04
N LEU B 48 -8.17 -26.98 -25.33
CA LEU B 48 -9.51 -27.27 -24.82
C LEU B 48 -10.51 -27.36 -25.97
N ALA B 49 -10.24 -26.65 -27.08
CA ALA B 49 -11.20 -26.62 -28.19
C ALA B 49 -11.26 -27.98 -28.88
N LYS B 50 -10.30 -28.87 -28.59
CA LYS B 50 -10.36 -30.22 -29.14
C LYS B 50 -11.57 -30.97 -28.61
N HIS B 51 -12.08 -30.61 -27.40
CA HIS B 51 -13.16 -31.37 -26.80
CA HIS B 51 -13.13 -31.38 -26.75
C HIS B 51 -14.36 -30.51 -26.42
N PHE B 52 -14.20 -29.18 -26.33
CA PHE B 52 -15.27 -28.35 -25.79
C PHE B 52 -15.54 -27.13 -26.69
N ARG B 53 -16.71 -26.52 -26.52
CA ARG B 53 -16.99 -25.24 -27.15
CA ARG B 53 -16.98 -25.24 -27.14
C ARG B 53 -16.41 -24.13 -26.25
N VAL B 54 -15.19 -23.70 -26.56
CA VAL B 54 -14.48 -22.72 -25.76
C VAL B 54 -14.97 -21.32 -26.16
N VAL B 55 -15.37 -20.48 -25.17
CA VAL B 55 -15.65 -19.07 -25.43
C VAL B 55 -14.84 -18.25 -24.40
N ALA B 56 -14.02 -17.33 -24.91
CA ALA B 56 -13.21 -16.44 -24.09
C ALA B 56 -13.63 -15.00 -24.44
N PRO B 57 -14.49 -14.36 -23.61
CA PRO B 57 -14.93 -12.97 -23.83
C PRO B 57 -13.93 -11.96 -23.28
N ASP B 58 -13.97 -10.76 -23.86
CA ASP B 58 -13.40 -9.58 -23.18
C ASP B 58 -14.49 -9.08 -22.23
N LEU B 59 -14.13 -8.88 -20.94
CA LEU B 59 -15.12 -8.42 -19.99
C LEU B 59 -15.48 -6.95 -20.26
N ARG B 60 -16.58 -6.53 -19.66
CA ARG B 60 -17.01 -5.14 -19.75
C ARG B 60 -15.80 -4.23 -19.54
N GLY B 61 -15.66 -3.24 -20.45
CA GLY B 61 -14.56 -2.27 -20.26
C GLY B 61 -13.26 -2.65 -20.96
N TYR B 62 -13.11 -3.89 -21.43
CA TYR B 62 -11.81 -4.34 -21.92
C TYR B 62 -11.82 -4.56 -23.44
N ASN B 63 -10.65 -4.29 -24.02
CA ASN B 63 -10.32 -4.63 -25.40
C ASN B 63 -11.47 -4.24 -26.35
N GLU B 64 -12.15 -5.23 -26.94
CA GLU B 64 -13.13 -4.93 -27.98
C GLU B 64 -14.54 -4.98 -27.44
N THR B 65 -14.73 -5.15 -26.12
CA THR B 65 -16.06 -5.13 -25.56
C THR B 65 -16.43 -3.67 -25.25
N ASP B 66 -17.72 -3.37 -25.17
CA ASP B 66 -18.19 -2.02 -24.82
C ASP B 66 -17.67 -1.59 -23.43
N LYS B 67 -17.61 -0.27 -23.23
CA LYS B 67 -16.97 0.39 -22.07
C LYS B 67 -17.88 1.53 -21.62
N PRO B 68 -18.97 1.22 -20.91
CA PRO B 68 -19.87 2.25 -20.38
C PRO B 68 -19.08 3.21 -19.48
N GLU B 69 -19.51 4.48 -19.46
CA GLU B 69 -18.86 5.47 -18.62
C GLU B 69 -19.47 5.42 -17.23
N GLY B 70 -18.61 5.67 -16.22
CA GLY B 70 -19.15 5.81 -14.87
C GLY B 70 -18.71 4.61 -14.01
N VAL B 71 -18.16 4.91 -12.83
CA VAL B 71 -17.73 3.88 -11.91
C VAL B 71 -18.85 2.90 -11.59
N GLU B 72 -20.12 3.36 -11.39
CA GLU B 72 -21.12 2.40 -10.92
CA GLU B 72 -21.18 2.46 -10.95
C GLU B 72 -21.52 1.40 -12.02
N ASN B 73 -21.08 1.64 -13.25
CA ASN B 73 -21.31 0.66 -14.32
C ASN B 73 -20.35 -0.53 -14.22
N TYR B 74 -19.47 -0.54 -13.20
CA TYR B 74 -18.54 -1.64 -13.03
C TYR B 74 -18.76 -2.41 -11.73
N ARG B 75 -19.90 -2.21 -11.04
CA ARG B 75 -20.25 -3.00 -9.88
CA ARG B 75 -20.22 -3.01 -9.87
C ARG B 75 -20.33 -4.48 -10.25
N LEU B 76 -19.92 -5.34 -9.32
CA LEU B 76 -19.76 -6.77 -9.57
C LEU B 76 -21.08 -7.39 -10.00
N ASP B 77 -22.21 -6.90 -9.49
CA ASP B 77 -23.47 -7.53 -9.88
C ASP B 77 -23.69 -7.34 -11.39
N LEU B 78 -23.29 -6.19 -11.95
CA LEU B 78 -23.48 -5.97 -13.38
C LEU B 78 -22.53 -6.85 -14.17
N LEU B 79 -21.30 -7.01 -13.67
CA LEU B 79 -20.31 -7.84 -14.35
C LEU B 79 -20.82 -9.29 -14.38
N ALA B 80 -21.41 -9.74 -13.28
CA ALA B 80 -21.93 -11.11 -13.23
C ALA B 80 -23.10 -11.28 -14.19
N LYS B 81 -23.96 -10.27 -14.28
CA LYS B 81 -25.12 -10.32 -15.15
C LYS B 81 -24.71 -10.34 -16.61
N ASP B 82 -23.57 -9.68 -16.91
CA ASP B 82 -23.03 -9.76 -18.27
C ASP B 82 -22.75 -11.22 -18.62
N ILE B 83 -22.14 -11.99 -17.71
CA ILE B 83 -21.75 -13.35 -18.02
C ILE B 83 -22.98 -14.26 -18.07
N LEU B 84 -23.92 -14.04 -17.14
CA LEU B 84 -25.19 -14.74 -17.19
C LEU B 84 -25.85 -14.49 -18.55
N GLY B 85 -25.87 -13.23 -19.00
CA GLY B 85 -26.47 -12.86 -20.27
C GLY B 85 -25.75 -13.47 -21.46
N LEU B 86 -24.42 -13.59 -21.35
CA LEU B 86 -23.59 -14.18 -22.39
C LEU B 86 -23.97 -15.66 -22.58
N ILE B 87 -24.10 -16.38 -21.46
CA ILE B 87 -24.48 -17.79 -21.53
C ILE B 87 -25.77 -17.93 -22.34
N LYS B 88 -26.77 -17.10 -22.01
CA LYS B 88 -28.05 -17.17 -22.68
CA LYS B 88 -28.05 -17.15 -22.69
C LYS B 88 -27.90 -16.78 -24.16
N ALA B 89 -27.13 -15.74 -24.44
CA ALA B 89 -26.99 -15.27 -25.81
C ALA B 89 -26.29 -16.31 -26.71
N LEU B 90 -25.49 -17.20 -26.10
CA LEU B 90 -24.77 -18.24 -26.81
C LEU B 90 -25.69 -19.45 -27.07
N GLY B 91 -26.96 -19.33 -26.68
CA GLY B 91 -27.94 -20.38 -26.87
C GLY B 91 -27.90 -21.45 -25.78
N GLU B 92 -27.32 -21.12 -24.61
CA GLU B 92 -27.15 -22.09 -23.55
C GLU B 92 -27.91 -21.69 -22.30
N GLU B 93 -27.96 -22.65 -21.36
CA GLU B 93 -28.61 -22.44 -20.07
CA GLU B 93 -28.59 -22.40 -20.07
C GLU B 93 -27.58 -22.59 -18.94
N HIS B 94 -26.44 -23.22 -19.25
CA HIS B 94 -25.37 -23.43 -18.29
CA HIS B 94 -25.38 -23.54 -18.30
C HIS B 94 -24.04 -23.56 -19.03
N ALA B 95 -22.94 -23.41 -18.30
CA ALA B 95 -21.59 -23.47 -18.82
C ALA B 95 -20.65 -24.04 -17.77
N VAL B 96 -19.52 -24.61 -18.21
CA VAL B 96 -18.37 -24.74 -17.33
C VAL B 96 -17.72 -23.37 -17.27
N VAL B 97 -17.42 -22.87 -16.06
CA VAL B 97 -16.97 -21.47 -15.97
C VAL B 97 -15.58 -21.47 -15.33
N VAL B 98 -14.58 -20.95 -16.05
CA VAL B 98 -13.20 -20.86 -15.58
C VAL B 98 -12.86 -19.37 -15.47
N GLY B 99 -12.39 -18.92 -14.28
CA GLY B 99 -12.10 -17.49 -14.13
C GLY B 99 -10.76 -17.27 -13.44
N HIS B 100 -9.98 -16.33 -13.97
CA HIS B 100 -8.71 -15.90 -13.40
C HIS B 100 -8.85 -14.46 -12.89
N ASP B 101 -8.32 -14.17 -11.68
CA ASP B 101 -8.31 -12.77 -11.26
C ASP B 101 -9.76 -12.26 -11.20
N TRP B 102 -10.04 -11.06 -11.72
CA TRP B 102 -11.40 -10.55 -11.73
C TRP B 102 -12.38 -11.55 -12.33
N GLY B 103 -11.93 -12.23 -13.41
CA GLY B 103 -12.72 -13.28 -14.05
C GLY B 103 -13.19 -14.31 -13.02
N GLY B 104 -12.26 -14.64 -12.12
CA GLY B 104 -12.54 -15.57 -11.03
C GLY B 104 -13.48 -14.99 -9.99
N ILE B 105 -13.30 -13.71 -9.61
CA ILE B 105 -14.26 -13.08 -8.72
C ILE B 105 -15.66 -13.16 -9.29
N ILE B 106 -15.80 -12.83 -10.59
CA ILE B 106 -17.11 -12.85 -11.22
C ILE B 106 -17.62 -14.29 -11.22
N SER B 107 -16.74 -15.25 -11.49
CA SER B 107 -17.11 -16.68 -11.50
C SER B 107 -17.59 -17.16 -10.14
N TRP B 108 -16.88 -16.82 -9.05
CA TRP B 108 -17.37 -17.16 -7.71
C TRP B 108 -18.79 -16.61 -7.52
N THR B 109 -19.00 -15.35 -7.93
CA THR B 109 -20.24 -14.63 -7.70
C THR B 109 -21.39 -15.26 -8.50
N LEU B 110 -21.11 -15.51 -9.78
CA LEU B 110 -22.10 -16.07 -10.68
C LEU B 110 -22.55 -17.42 -10.12
N THR B 111 -21.56 -18.18 -9.64
CA THR B 111 -21.77 -19.56 -9.22
C THR B 111 -22.58 -19.57 -7.92
N ALA B 112 -22.26 -18.62 -7.03
CA ALA B 112 -22.92 -18.57 -5.74
C ALA B 112 -24.39 -18.21 -5.90
N PHE B 113 -24.69 -17.23 -6.76
CA PHE B 113 -26.03 -16.69 -6.86
C PHE B 113 -26.87 -17.36 -7.96
N ASN B 114 -26.19 -18.04 -8.89
CA ASN B 114 -26.87 -18.64 -10.03
C ASN B 114 -26.30 -20.04 -10.26
N PRO B 115 -26.40 -20.98 -9.30
CA PRO B 115 -25.81 -22.32 -9.49
C PRO B 115 -26.39 -23.06 -10.69
N GLN B 116 -27.65 -22.79 -11.05
CA GLN B 116 -28.30 -23.43 -12.19
CA GLN B 116 -28.26 -23.46 -12.17
C GLN B 116 -27.55 -23.11 -13.49
N ALA B 117 -26.81 -22.01 -13.53
CA ALA B 117 -26.12 -21.58 -14.73
C ALA B 117 -24.70 -22.15 -14.80
N VAL B 118 -24.21 -22.83 -13.76
CA VAL B 118 -22.81 -23.23 -13.72
C VAL B 118 -22.70 -24.75 -13.50
N GLU B 119 -22.13 -25.49 -14.48
CA GLU B 119 -21.98 -26.93 -14.37
CA GLU B 119 -21.98 -26.93 -14.38
C GLU B 119 -20.85 -27.26 -13.39
N LYS B 120 -19.69 -26.67 -13.62
CA LYS B 120 -18.52 -26.82 -12.77
CA LYS B 120 -18.53 -26.81 -12.77
C LYS B 120 -17.80 -25.48 -12.76
N LEU B 121 -17.07 -25.21 -11.68
CA LEU B 121 -16.38 -23.94 -11.46
C LEU B 121 -14.88 -24.17 -11.34
N VAL B 122 -14.11 -23.44 -12.14
CA VAL B 122 -12.67 -23.45 -11.99
C VAL B 122 -12.24 -22.01 -11.67
N ILE B 123 -11.41 -21.88 -10.63
CA ILE B 123 -10.87 -20.58 -10.22
C ILE B 123 -9.36 -20.66 -10.33
N LEU B 124 -8.74 -19.67 -10.98
CA LEU B 124 -7.30 -19.50 -10.93
C LEU B 124 -6.99 -18.21 -10.18
N ASN B 125 -6.21 -18.29 -9.08
CA ASN B 125 -5.67 -17.10 -8.42
C ASN B 125 -6.72 -15.99 -8.31
N ALA B 126 -7.85 -16.29 -7.68
CA ALA B 126 -8.81 -15.24 -7.32
C ALA B 126 -9.36 -15.62 -5.97
N PRO B 127 -9.24 -14.80 -4.90
CA PRO B 127 -9.78 -15.22 -3.62
C PRO B 127 -11.29 -15.21 -3.67
N HIS B 128 -11.92 -16.05 -2.84
CA HIS B 128 -13.36 -15.97 -2.68
C HIS B 128 -13.69 -14.57 -2.18
N PRO B 129 -14.71 -13.91 -2.75
CA PRO B 129 -15.02 -12.51 -2.41
C PRO B 129 -15.31 -12.31 -0.92
N LYS B 130 -15.96 -13.27 -0.28
CA LYS B 130 -16.30 -13.08 1.13
C LYS B 130 -15.04 -13.27 1.99
N ALA B 131 -14.15 -14.17 1.57
CA ALA B 131 -12.86 -14.33 2.22
C ALA B 131 -12.06 -13.03 2.13
N TYR B 132 -12.02 -12.42 0.93
CA TYR B 132 -11.32 -11.15 0.75
C TYR B 132 -11.92 -10.11 1.70
N MET B 133 -13.25 -10.00 1.72
CA MET B 133 -13.91 -8.90 2.46
C MET B 133 -13.71 -9.09 3.96
N THR B 134 -13.78 -10.34 4.42
CA THR B 134 -13.63 -10.66 5.84
C THR B 134 -12.20 -10.42 6.31
N ARG B 135 -11.22 -10.88 5.53
CA ARG B 135 -9.86 -11.02 6.00
C ARG B 135 -8.97 -9.81 5.71
N THR B 136 -9.18 -9.12 4.57
CA THR B 136 -8.15 -8.20 4.11
C THR B 136 -7.95 -7.06 5.13
N LYS B 137 -9.06 -6.50 5.61
CA LYS B 137 -9.01 -5.33 6.49
C LYS B 137 -8.16 -5.63 7.72
N ASN B 138 -7.98 -6.90 8.08
CA ASN B 138 -7.26 -7.26 9.30
C ASN B 138 -5.90 -7.88 8.98
N SER B 139 -5.51 -7.88 7.71
CA SER B 139 -4.30 -8.58 7.30
C SER B 139 -3.27 -7.57 6.79
N LEU B 140 -2.21 -7.30 7.55
CA LEU B 140 -1.17 -6.41 7.06
C LEU B 140 -0.62 -6.92 5.71
N ARG B 141 -0.42 -8.23 5.60
CA ARG B 141 0.19 -8.78 4.39
C ARG B 141 -0.68 -8.47 3.18
N GLN B 142 -2.01 -8.68 3.31
CA GLN B 142 -2.87 -8.44 2.18
C GLN B 142 -2.97 -6.94 1.91
N LEU B 143 -3.05 -6.11 2.99
CA LEU B 143 -3.15 -4.69 2.73
C LEU B 143 -1.92 -4.19 1.95
N GLN B 144 -0.73 -4.66 2.34
CA GLN B 144 0.50 -4.33 1.60
C GLN B 144 0.40 -4.76 0.14
N LYS B 145 -0.01 -6.01 -0.09
CA LYS B 145 -0.14 -6.48 -1.46
C LYS B 145 -1.19 -5.69 -2.23
N SER B 146 -2.12 -5.06 -1.52
CA SER B 146 -3.21 -4.30 -2.10
C SER B 146 -2.85 -2.83 -2.29
N TRP B 147 -1.56 -2.44 -2.23
CA TRP B 147 -1.24 -1.02 -2.36
C TRP B 147 -1.88 -0.40 -3.62
N TYR B 148 -1.88 -1.15 -4.75
CA TYR B 148 -2.29 -0.55 -6.01
C TYR B 148 -3.82 -0.40 -6.04
N VAL B 149 -4.53 -1.18 -5.23
CA VAL B 149 -5.98 -1.02 -5.12
C VAL B 149 -6.28 0.40 -4.63
N PHE B 150 -5.52 0.84 -3.62
CA PHE B 150 -5.71 2.16 -3.08
C PHE B 150 -5.24 3.21 -4.08
N PHE B 151 -4.10 2.95 -4.75
CA PHE B 151 -3.61 3.89 -5.76
C PHE B 151 -4.68 4.12 -6.83
N PHE B 152 -5.35 3.05 -7.23
CA PHE B 152 -6.34 3.16 -8.30
C PHE B 152 -7.62 3.90 -7.93
N GLN B 153 -7.80 4.22 -6.64
CA GLN B 153 -9.01 4.92 -6.22
C GLN B 153 -8.99 6.37 -6.71
N VAL B 154 -7.81 6.97 -6.88
CA VAL B 154 -7.70 8.38 -7.26
C VAL B 154 -8.08 8.53 -8.73
N ALA B 155 -8.88 9.56 -9.03
CA ALA B 155 -9.26 9.89 -10.40
C ALA B 155 -8.06 10.37 -11.22
N ASN B 156 -7.97 9.92 -12.49
CA ASN B 156 -7.12 10.46 -13.55
C ASN B 156 -5.64 10.16 -13.42
N ILE B 157 -5.09 10.36 -12.21
CA ILE B 157 -3.66 10.27 -12.01
C ILE B 157 -3.16 8.85 -12.26
N PRO B 158 -3.82 7.78 -11.77
CA PRO B 158 -3.31 6.44 -12.03
C PRO B 158 -3.33 6.13 -13.54
N GLU B 159 -4.39 6.52 -14.25
CA GLU B 159 -4.41 6.32 -15.70
C GLU B 159 -3.21 6.98 -16.37
N LYS B 160 -2.91 8.25 -15.99
CA LYS B 160 -1.77 8.99 -16.53
C LYS B 160 -0.47 8.24 -16.26
N ILE B 161 -0.24 7.87 -14.99
CA ILE B 161 0.99 7.19 -14.64
C ILE B 161 1.16 5.85 -15.34
N LEU B 162 0.09 5.04 -15.39
CA LEU B 162 0.20 3.70 -15.94
C LEU B 162 0.46 3.76 -17.46
N SER B 163 -0.10 4.79 -18.09
CA SER B 163 -0.15 4.82 -19.55
C SER B 163 1.00 5.60 -20.20
N ARG B 164 1.55 6.59 -19.49
CA ARG B 164 2.50 7.50 -20.12
C ARG B 164 3.72 6.72 -20.62
N ASN B 165 4.44 7.30 -21.60
CA ASN B 165 5.59 6.62 -22.17
C ASN B 165 5.22 5.21 -22.66
N GLU B 166 4.08 5.11 -23.38
CA GLU B 166 3.61 3.86 -23.96
CA GLU B 166 3.60 3.87 -23.97
C GLU B 166 3.54 2.76 -22.90
N PHE B 167 2.84 3.03 -21.79
CA PHE B 167 2.56 2.04 -20.75
C PHE B 167 3.83 1.51 -20.06
N ALA B 168 4.87 2.36 -19.95
CA ALA B 168 6.11 1.87 -19.34
C ALA B 168 5.87 1.27 -17.96
N PHE B 169 5.16 2.00 -17.09
CA PHE B 169 4.97 1.60 -15.70
C PHE B 169 4.13 0.32 -15.61
N LEU B 170 3.06 0.26 -16.39
CA LEU B 170 2.22 -0.93 -16.37
C LEU B 170 3.03 -2.15 -16.85
N LYS B 171 3.84 -2.00 -17.89
CA LYS B 171 4.67 -3.12 -18.33
CA LYS B 171 4.69 -3.10 -18.34
C LYS B 171 5.65 -3.52 -17.23
N ASN B 172 6.29 -2.51 -16.60
CA ASN B 172 7.29 -2.79 -15.60
C ASN B 172 6.66 -3.49 -14.40
N MET B 173 5.52 -2.97 -13.93
CA MET B 173 4.88 -3.53 -12.75
C MET B 173 4.32 -4.90 -13.10
N LEU B 174 3.88 -5.06 -14.35
CA LEU B 174 3.37 -6.34 -14.78
C LEU B 174 4.50 -7.36 -14.79
N ILE B 175 5.62 -7.00 -15.39
CA ILE B 175 6.75 -7.92 -15.49
C ILE B 175 7.30 -8.26 -14.11
N GLN B 176 7.29 -7.31 -13.17
CA GLN B 176 7.76 -7.58 -11.81
C GLN B 176 6.82 -8.56 -11.08
N SER B 177 5.65 -8.85 -11.65
CA SER B 177 4.69 -9.73 -11.00
C SER B 177 4.85 -11.16 -11.52
N PHE B 178 5.74 -11.34 -12.52
CA PHE B 178 5.90 -12.65 -13.11
C PHE B 178 7.03 -13.43 -12.42
N VAL B 179 6.95 -14.76 -12.54
CA VAL B 179 7.99 -15.64 -12.02
C VAL B 179 9.27 -15.51 -12.84
N ARG B 180 9.15 -15.39 -14.18
CA ARG B 180 10.26 -15.09 -15.06
C ARG B 180 10.03 -13.76 -15.79
N ARG B 181 11.08 -12.93 -15.91
CA ARG B 181 10.96 -11.57 -16.43
CA ARG B 181 10.91 -11.58 -16.42
C ARG B 181 10.69 -11.58 -17.94
N ASP B 182 10.90 -12.74 -18.57
CA ASP B 182 10.81 -12.90 -20.02
C ASP B 182 9.51 -13.60 -20.43
N LEU B 183 8.52 -13.63 -19.53
CA LEU B 183 7.31 -14.41 -19.75
C LEU B 183 6.57 -13.91 -21.00
N LEU B 184 6.50 -12.58 -21.18
CA LEU B 184 5.91 -12.05 -22.40
C LEU B 184 7.03 -11.69 -23.38
N THR B 185 6.87 -12.11 -24.63
CA THR B 185 7.74 -11.71 -25.72
C THR B 185 7.45 -10.26 -26.08
N GLU B 186 8.33 -9.62 -26.88
CA GLU B 186 8.05 -8.29 -27.41
C GLU B 186 6.73 -8.29 -28.19
N GLU B 187 6.48 -9.39 -28.91
CA GLU B 187 5.27 -9.51 -29.71
C GLU B 187 4.04 -9.51 -28.79
N ASP B 188 4.12 -10.28 -27.70
CA ASP B 188 3.06 -10.32 -26.71
C ASP B 188 2.81 -8.90 -26.16
N LEU B 189 3.89 -8.18 -25.83
CA LEU B 189 3.76 -6.83 -25.29
C LEU B 189 3.08 -5.89 -26.26
N ARG B 190 3.37 -6.02 -27.56
CA ARG B 190 2.73 -5.18 -28.57
C ARG B 190 1.23 -5.47 -28.58
N ILE B 191 0.86 -6.75 -28.51
CA ILE B 191 -0.53 -7.15 -28.50
C ILE B 191 -1.21 -6.60 -27.23
N TYR B 192 -0.55 -6.72 -26.08
CA TYR B 192 -1.11 -6.19 -24.85
C TYR B 192 -1.33 -4.68 -24.95
N VAL B 193 -0.32 -3.95 -25.42
CA VAL B 193 -0.43 -2.49 -25.51
C VAL B 193 -1.60 -2.09 -26.40
N ASP B 194 -1.80 -2.82 -27.49
CA ASP B 194 -2.93 -2.55 -28.37
C ASP B 194 -4.25 -2.66 -27.62
N ALA B 195 -4.41 -3.69 -26.78
CA ALA B 195 -5.66 -3.83 -26.03
C ALA B 195 -5.75 -2.74 -24.96
N TRP B 196 -4.61 -2.39 -24.33
CA TRP B 196 -4.65 -1.38 -23.27
C TRP B 196 -5.04 0.00 -23.81
N SER B 197 -4.68 0.23 -25.10
CA SER B 197 -4.81 1.54 -25.71
C SER B 197 -6.20 1.76 -26.32
N LYS B 198 -7.06 0.73 -26.33
CA LYS B 198 -8.43 0.92 -26.78
C LYS B 198 -8.99 2.10 -25.99
N SER B 199 -9.69 2.96 -26.71
CA SER B 199 -10.30 4.14 -26.14
CA SER B 199 -10.35 4.15 -26.17
C SER B 199 -11.18 3.79 -24.94
N GLY B 200 -10.81 4.35 -23.78
CA GLY B 200 -11.63 4.14 -22.59
C GLY B 200 -11.21 2.89 -21.78
N ALA B 201 -10.35 2.04 -22.32
CA ALA B 201 -10.13 0.72 -21.72
C ALA B 201 -9.47 0.83 -20.34
N LEU B 202 -8.47 1.69 -20.19
CA LEU B 202 -7.75 1.73 -18.92
C LEU B 202 -8.63 2.29 -17.80
N THR B 203 -9.35 3.38 -18.07
CA THR B 203 -10.25 3.93 -17.06
C THR B 203 -11.30 2.88 -16.68
N SER B 204 -11.81 2.15 -17.69
CA SER B 204 -12.86 1.17 -17.38
C SER B 204 -12.31 0.05 -16.51
N ALA B 205 -11.10 -0.41 -16.82
CA ALA B 205 -10.48 -1.46 -16.01
C ALA B 205 -10.25 -0.96 -14.58
N LEU B 206 -9.78 0.28 -14.40
CA LEU B 206 -9.53 0.75 -13.02
C LEU B 206 -10.86 0.96 -12.30
N ASN B 207 -11.93 1.28 -13.03
CA ASN B 207 -13.26 1.41 -12.44
C ASN B 207 -13.71 0.15 -11.70
N TYR B 208 -13.23 -1.04 -12.09
CA TYR B 208 -13.55 -2.25 -11.33
C TYR B 208 -13.12 -2.07 -9.86
N TYR B 209 -11.96 -1.43 -9.64
CA TYR B 209 -11.40 -1.29 -8.29
C TYR B 209 -12.12 -0.18 -7.55
N ARG B 210 -12.47 0.88 -8.29
CA ARG B 210 -13.22 1.98 -7.72
C ARG B 210 -14.62 1.56 -7.31
N ALA B 211 -15.27 0.66 -8.08
CA ALA B 211 -16.65 0.32 -7.79
C ALA B 211 -16.71 -0.75 -6.71
N ASN B 212 -15.74 -1.67 -6.68
CA ASN B 212 -15.91 -2.87 -5.86
C ASN B 212 -14.92 -2.99 -4.71
N LEU B 213 -13.85 -2.18 -4.74
CA LEU B 213 -12.76 -2.35 -3.78
C LEU B 213 -12.39 -0.98 -3.20
N ASN B 214 -13.36 -0.07 -3.15
CA ASN B 214 -13.06 1.22 -2.53
C ASN B 214 -12.92 1.05 -1.01
N PRO B 215 -12.26 1.99 -0.29
CA PRO B 215 -12.00 1.75 1.13
C PRO B 215 -13.27 1.53 1.96
N ASP B 216 -14.38 2.19 1.60
CA ASP B 216 -15.61 1.95 2.35
C ASP B 216 -16.06 0.48 2.27
N ILE B 217 -15.86 -0.16 1.11
CA ILE B 217 -16.17 -1.58 1.03
C ILE B 217 -15.16 -2.41 1.80
N ILE B 218 -13.84 -2.18 1.58
CA ILE B 218 -12.82 -3.03 2.16
C ILE B 218 -12.96 -3.01 3.69
N PHE B 219 -13.24 -1.84 4.27
CA PHE B 219 -13.19 -1.71 5.72
C PHE B 219 -14.59 -1.74 6.34
N SER B 220 -15.60 -2.12 5.57
CA SER B 220 -16.95 -2.32 6.11
C SER B 220 -16.95 -3.40 7.19
N GLU B 221 -17.77 -3.19 8.22
CA GLU B 221 -17.95 -4.24 9.22
C GLU B 221 -19.24 -4.99 8.94
N LYS B 222 -19.97 -4.60 7.89
CA LYS B 222 -21.16 -5.33 7.49
C LYS B 222 -20.74 -6.73 7.01
N THR B 223 -21.55 -7.76 7.29
CA THR B 223 -21.20 -9.02 6.67
C THR B 223 -21.86 -9.09 5.30
N VAL B 224 -21.04 -9.51 4.32
CA VAL B 224 -21.48 -9.79 2.97
C VAL B 224 -22.25 -11.11 3.02
N VAL B 225 -23.47 -11.09 2.45
CA VAL B 225 -24.26 -12.30 2.32
C VAL B 225 -23.91 -12.90 0.97
N PHE B 226 -23.45 -14.15 1.01
CA PHE B 226 -22.92 -14.84 -0.15
C PHE B 226 -23.29 -16.31 0.03
N PRO B 227 -24.23 -16.85 -0.78
CA PRO B 227 -24.57 -18.28 -0.68
C PRO B 227 -23.34 -19.16 -0.83
N LYS B 228 -23.39 -20.32 -0.19
CA LYS B 228 -22.35 -21.31 -0.35
C LYS B 228 -22.35 -21.82 -1.80
N ILE B 229 -21.18 -22.20 -2.27
CA ILE B 229 -21.00 -22.73 -3.62
C ILE B 229 -21.54 -24.17 -3.63
N LYS B 230 -22.44 -24.46 -4.59
CA LYS B 230 -23.14 -25.73 -4.64
C LYS B 230 -22.81 -26.54 -5.89
N VAL B 231 -21.70 -26.21 -6.59
CA VAL B 231 -21.33 -27.01 -7.75
C VAL B 231 -19.87 -27.39 -7.58
N PRO B 232 -19.39 -28.50 -8.17
CA PRO B 232 -18.00 -28.93 -8.01
C PRO B 232 -17.04 -27.83 -8.43
N THR B 233 -15.99 -27.62 -7.61
CA THR B 233 -15.10 -26.49 -7.77
C THR B 233 -13.67 -27.00 -7.70
N LEU B 234 -12.86 -26.49 -8.62
CA LEU B 234 -11.43 -26.70 -8.62
C LEU B 234 -10.77 -25.33 -8.51
N VAL B 235 -9.89 -25.19 -7.52
CA VAL B 235 -9.10 -23.97 -7.42
C VAL B 235 -7.68 -24.31 -7.82
N ILE B 236 -7.11 -23.52 -8.72
CA ILE B 236 -5.71 -23.63 -9.08
C ILE B 236 -5.02 -22.38 -8.54
N TRP B 237 -3.88 -22.56 -7.84
CA TRP B 237 -3.29 -21.45 -7.12
C TRP B 237 -1.76 -21.43 -7.26
N GLY B 238 -1.22 -20.45 -7.99
CA GLY B 238 0.20 -20.17 -8.01
C GLY B 238 0.58 -19.47 -6.70
N GLU B 239 1.50 -20.08 -5.95
CA GLU B 239 1.70 -19.63 -4.57
C GLU B 239 2.51 -18.33 -4.50
N LYS B 240 3.31 -18.04 -5.53
CA LYS B 240 4.17 -16.87 -5.49
C LYS B 240 3.46 -15.63 -6.04
N ASP B 241 2.17 -15.49 -5.69
CA ASP B 241 1.33 -14.43 -6.23
C ASP B 241 1.65 -13.11 -5.52
N VAL B 242 2.13 -12.10 -6.26
CA VAL B 242 2.45 -10.80 -5.68
C VAL B 242 1.19 -10.07 -5.16
N ALA B 243 0.01 -10.41 -5.66
CA ALA B 243 -1.19 -9.61 -5.41
C ALA B 243 -2.08 -10.22 -4.34
N ILE B 244 -1.90 -11.52 -4.06
CA ILE B 244 -2.83 -12.21 -3.19
C ILE B 244 -2.05 -13.02 -2.16
N SER B 245 -2.31 -12.76 -0.87
CA SER B 245 -1.70 -13.53 0.21
C SER B 245 -2.37 -14.91 0.25
N LYS B 246 -1.56 -15.94 0.55
CA LYS B 246 -2.08 -17.29 0.71
C LYS B 246 -3.08 -17.34 1.86
N ASP B 247 -3.00 -16.35 2.77
CA ASP B 247 -3.94 -16.19 3.87
C ASP B 247 -5.38 -16.07 3.38
N LEU B 248 -5.58 -15.60 2.14
CA LEU B 248 -6.93 -15.43 1.63
C LEU B 248 -7.51 -16.70 0.98
N ILE B 249 -6.68 -17.70 0.63
CA ILE B 249 -7.26 -18.89 -0.01
C ILE B 249 -7.33 -20.08 0.94
N VAL B 250 -6.62 -20.03 2.08
CA VAL B 250 -6.74 -21.16 2.99
C VAL B 250 -8.15 -21.18 3.59
N ASN B 251 -8.57 -22.38 4.00
CA ASN B 251 -9.72 -22.60 4.87
C ASN B 251 -11.02 -22.17 4.21
N MET B 252 -11.38 -22.87 3.12
CA MET B 252 -12.52 -22.49 2.28
C MET B 252 -13.80 -23.23 2.66
N GLU B 253 -13.76 -24.05 3.72
CA GLU B 253 -14.84 -24.98 4.04
C GLU B 253 -16.17 -24.27 4.28
N ASP B 254 -16.10 -23.05 4.82
CA ASP B 254 -17.31 -22.30 5.13
C ASP B 254 -18.05 -21.92 3.84
N PHE B 255 -17.31 -21.81 2.72
CA PHE B 255 -17.81 -21.14 1.54
C PHE B 255 -18.30 -22.14 0.50
N ILE B 256 -17.91 -23.41 0.62
CA ILE B 256 -18.24 -24.40 -0.40
C ILE B 256 -18.94 -25.60 0.23
N GLU B 257 -20.14 -25.94 -0.24
CA GLU B 257 -20.81 -27.18 0.15
CA GLU B 257 -20.81 -27.18 0.14
C GLU B 257 -21.04 -28.02 -1.11
N ALA B 258 -19.94 -28.41 -1.75
CA ALA B 258 -19.93 -29.31 -2.89
C ALA B 258 -18.51 -29.84 -2.93
N PRO B 259 -18.22 -30.84 -3.79
CA PRO B 259 -16.85 -31.29 -3.99
C PRO B 259 -15.95 -30.11 -4.32
N TYR B 260 -14.80 -30.08 -3.67
CA TYR B 260 -13.86 -28.98 -3.80
C TYR B 260 -12.48 -29.62 -3.80
N SER B 261 -11.65 -29.22 -4.75
CA SER B 261 -10.24 -29.57 -4.66
C SER B 261 -9.42 -28.34 -4.99
N ILE B 262 -8.20 -28.28 -4.42
CA ILE B 262 -7.29 -27.20 -4.70
C ILE B 262 -5.94 -27.77 -5.12
N LYS B 263 -5.43 -27.23 -6.21
CA LYS B 263 -4.13 -27.62 -6.73
C LYS B 263 -3.19 -26.42 -6.60
N TYR B 264 -2.18 -26.56 -5.75
CA TYR B 264 -1.18 -25.54 -5.58
C TYR B 264 -0.09 -25.73 -6.61
N PHE B 265 0.42 -24.61 -7.11
CA PHE B 265 1.61 -24.57 -7.93
C PHE B 265 2.65 -23.76 -7.17
N PRO B 266 3.53 -24.41 -6.38
CA PRO B 266 4.47 -23.69 -5.51
C PRO B 266 5.43 -22.75 -6.21
N GLU B 267 5.74 -23.05 -7.49
CA GLU B 267 6.79 -22.33 -8.19
C GLU B 267 6.20 -21.30 -9.16
N CYS B 268 4.87 -21.17 -9.17
CA CYS B 268 4.20 -20.26 -10.10
C CYS B 268 3.63 -19.06 -9.33
N GLY B 269 3.36 -17.98 -10.05
CA GLY B 269 2.81 -16.78 -9.46
C GLY B 269 1.37 -16.59 -9.91
N HIS B 270 0.97 -15.33 -10.06
CA HIS B 270 -0.40 -14.97 -10.37
C HIS B 270 -0.86 -15.54 -11.72
N TRP B 271 0.05 -15.62 -12.71
CA TRP B 271 -0.36 -16.08 -14.04
C TRP B 271 0.01 -17.54 -14.27
N VAL B 272 -0.61 -18.40 -13.49
CA VAL B 272 -0.26 -19.81 -13.50
C VAL B 272 -0.54 -20.42 -14.88
N GLN B 273 -1.61 -19.93 -15.56
CA GLN B 273 -1.96 -20.43 -16.89
C GLN B 273 -0.92 -20.07 -17.94
N LEU B 274 -0.03 -19.13 -17.66
CA LEU B 274 1.02 -18.76 -18.60
C LEU B 274 2.31 -19.50 -18.23
N GLU B 275 2.42 -19.92 -16.97
CA GLU B 275 3.68 -20.41 -16.43
C GLU B 275 3.74 -21.94 -16.45
N GLU B 276 2.61 -22.59 -16.17
CA GLU B 276 2.45 -24.03 -16.36
C GLU B 276 1.23 -24.29 -17.26
N PRO B 277 1.29 -23.85 -18.53
CA PRO B 277 0.11 -23.91 -19.43
C PRO B 277 -0.46 -25.31 -19.59
N GLU B 278 0.45 -26.28 -19.76
CA GLU B 278 0.05 -27.65 -20.03
C GLU B 278 -0.59 -28.28 -18.80
N LEU B 279 0.02 -28.09 -17.61
CA LEU B 279 -0.51 -28.67 -16.40
C LEU B 279 -1.86 -28.04 -16.03
N VAL B 280 -1.98 -26.73 -16.24
CA VAL B 280 -3.26 -26.06 -15.99
C VAL B 280 -4.34 -26.66 -16.89
N ARG B 281 -4.03 -26.74 -18.18
CA ARG B 281 -4.99 -27.28 -19.14
C ARG B 281 -5.38 -28.70 -18.73
N LYS B 282 -4.37 -29.52 -18.38
CA LYS B 282 -4.63 -30.89 -17.95
C LYS B 282 -5.55 -30.94 -16.74
N HIS B 283 -5.27 -30.13 -15.71
CA HIS B 283 -6.13 -30.20 -14.54
C HIS B 283 -7.55 -29.75 -14.88
N ILE B 284 -7.69 -28.73 -15.72
CA ILE B 284 -9.02 -28.28 -16.11
C ILE B 284 -9.79 -29.41 -16.83
N GLU B 285 -9.14 -30.02 -17.85
CA GLU B 285 -9.77 -31.04 -18.67
C GLU B 285 -10.20 -32.23 -17.81
N GLU B 286 -9.26 -32.71 -16.99
CA GLU B 286 -9.52 -33.88 -16.17
CA GLU B 286 -9.49 -33.88 -16.13
C GLU B 286 -10.69 -33.62 -15.23
N PHE B 287 -10.74 -32.41 -14.68
CA PHE B 287 -11.79 -32.08 -13.73
C PHE B 287 -13.16 -32.05 -14.41
N ILE B 288 -13.25 -31.50 -15.63
CA ILE B 288 -14.52 -31.44 -16.34
C ILE B 288 -14.96 -32.84 -16.76
N LEU B 289 -14.02 -33.65 -17.25
CA LEU B 289 -14.36 -34.95 -17.82
C LEU B 289 -14.64 -35.99 -16.73
N LYS B 290 -14.25 -35.70 -15.47
CA LYS B 290 -14.71 -36.49 -14.34
C LYS B 290 -16.10 -36.01 -13.89
C6 M1U C . 7.58 7.44 4.23
C5 M1U C . 7.68 6.25 5.22
C4 M1U C . 7.02 6.55 6.60
C3 M1U C . 7.48 7.88 7.19
C2 M1U C . 7.36 9.03 6.21
C1 M1U C . 8.16 8.70 4.86
C7 M1U C . 8.15 9.79 3.84
C8 M1U C . 7.54 10.97 4.04
C9 M1U C . 9.01 9.67 2.56
C10 M1U C . 7.28 5.40 7.51
O11 M1U C . 5.56 6.79 6.45
CL1 M1U C . 9.22 7.83 7.71
C6 M1U D . 0.77 3.64 11.47
C5 M1U D . 2.27 3.52 11.77
C4 M1U D . 3.19 4.05 10.62
C3 M1U D . 2.80 3.53 9.25
C2 M1U D . 1.27 3.64 8.98
C1 M1U D . 0.43 2.94 10.11
C7 M1U D . -1.03 3.05 9.72
C8 M1U D . -1.92 3.72 10.42
C9 M1U D . -1.45 2.38 8.42
C10 M1U D . 4.68 3.79 10.94
O11 M1U D . 3.01 5.47 10.50
CL1 M1U D . 3.27 1.80 9.16
CL CL E . 18.04 -5.28 18.29
CL CL F . 3.62 22.70 32.66
CL CL G . 26.05 3.29 3.42
CL CL H . 40.69 16.36 15.38
C1 EDO I . 3.46 33.08 21.31
O1 EDO I . 4.86 32.95 21.45
C2 EDO I . 2.52 33.85 22.23
O2 EDO I . 1.57 33.09 23.04
C1 EDO J . -5.68 27.73 6.57
O1 EDO J . -5.15 28.88 5.91
C2 EDO J . -5.92 28.00 8.03
O2 EDO J . -7.00 27.33 8.68
C1 EDO K . 5.33 19.97 -2.67
O1 EDO K . 3.97 20.28 -2.84
C2 EDO K . 5.65 19.80 -1.21
O2 EDO K . 6.47 18.69 -0.91
C1 EDO L . 1.72 15.85 30.48
O1 EDO L . 1.31 15.09 29.36
C2 EDO L . 2.89 15.48 31.28
O2 EDO L . 2.64 14.26 31.99
C1 EDO M . 21.60 -4.20 19.22
O1 EDO M . 22.76 -4.54 18.47
C2 EDO M . 21.82 -4.25 20.69
O2 EDO M . 20.85 -4.98 21.44
NA NA N . 13.54 -2.50 -3.92
C6 M1U O . -8.56 -8.85 -5.24
C5 M1U O . -7.21 -9.30 -5.74
C4 M1U O . -6.98 -9.07 -7.25
C3 M1U O . -8.24 -9.48 -8.07
C2 M1U O . -9.53 -8.89 -7.57
C1 M1U O . -9.71 -9.32 -6.11
C7 M1U O . -11.01 -8.88 -5.54
C8 M1U O . -11.39 -9.18 -4.28
C9 M1U O . -11.95 -8.09 -6.35
C10 M1U O . -5.69 -9.74 -7.63
O11 M1U O . -6.59 -7.71 -7.57
CL1 M1U O . -8.29 -11.34 -8.10
C6 M1U P . 0.13 -5.38 -12.20
C5 M1U P . -1.02 -6.30 -12.63
C4 M1U P . -1.77 -6.98 -11.44
C3 M1U P . -1.53 -6.24 -10.10
C2 M1U P . -1.43 -4.73 -10.29
C1 M1U P . -0.13 -4.40 -11.04
C7 M1U P . -0.12 -2.95 -11.37
C8 M1U P . -0.52 -2.46 -12.54
C9 M1U P . 0.42 -1.97 -10.35
C10 M1U P . -1.44 -8.46 -11.23
O11 M1U P . -3.19 -7.00 -11.71
CL1 M1U P . 0.03 -6.85 -9.44
CL CL Q . -8.90 -8.93 -30.30
C1 EDO R . -5.61 -9.57 -31.59
O1 EDO R . -5.82 -9.04 -32.89
C2 EDO R . -4.22 -10.04 -31.37
O2 EDO R . -4.12 -11.45 -31.31
NA NA S . -3.04 -12.31 6.53
#